data_1XX6
#
_entry.id   1XX6
#
_cell.length_a   53.793
_cell.length_b   67.166
_cell.length_c   103.638
_cell.angle_alpha   90.00
_cell.angle_beta   90.00
_cell.angle_gamma   90.00
#
_symmetry.space_group_name_H-M   'P 21 21 2'
#
loop_
_entity.id
_entity.type
_entity.pdbx_description
1 polymer 'Thymidine kinase'
2 non-polymer 'ZINC ION'
3 non-polymer "ADENOSINE-5'-DIPHOSPHATE"
4 water water
#
_entity_poly.entity_id   1
_entity_poly.type   'polypeptide(L)'
_entity_poly.pdbx_seq_one_letter_code
;MYRPKDHGWVEVIVGP(MSE)YSGKSEELIRRIRRAKIAKQKIQVFKPEIDNRYSKEDVVSH(MSE)GEKEQAVAIKNSR
EILKYFEEDTEVIAIDEVQFFDDEIVEIVNKIAESGRRVICAGLD(MSE)DFRGKPFGPIPEL(MSE)AIAEFVDKIQAI
CVVCGNPATRTQRLINGKPAFYDDPVVLIGA(MSE)ESYEARCRKCHVVPQ
;
_entity_poly.pdbx_strand_id   A,B
#
loop_
_chem_comp.id
_chem_comp.type
_chem_comp.name
_chem_comp.formula
ADP non-polymer ADENOSINE-5'-DIPHOSPHATE 'C10 H15 N5 O10 P2'
ZN non-polymer 'ZINC ION' 'Zn 2'
#
# COMPACT_ATOMS: atom_id res chain seq x y z
N TYR A 2 21.64 -4.23 -4.02
CA TYR A 2 20.30 -4.77 -3.65
C TYR A 2 19.77 -5.73 -4.73
N ARG A 3 18.66 -6.40 -4.43
CA ARG A 3 18.04 -7.33 -5.36
C ARG A 3 19.04 -8.40 -5.85
N PRO A 4 19.92 -8.89 -4.97
CA PRO A 4 20.87 -9.89 -5.44
C PRO A 4 20.19 -11.19 -5.88
N LYS A 5 20.85 -11.94 -6.73
CA LYS A 5 20.30 -13.19 -7.24
C LYS A 5 19.82 -14.15 -6.14
N ASP A 6 18.67 -14.77 -6.38
CA ASP A 6 18.08 -15.72 -5.45
C ASP A 6 17.56 -15.09 -4.16
N HIS A 7 17.25 -13.80 -4.24
CA HIS A 7 16.68 -13.05 -3.12
C HIS A 7 15.37 -12.57 -3.74
N GLY A 8 14.24 -13.00 -3.17
CA GLY A 8 12.96 -12.61 -3.72
C GLY A 8 12.25 -11.47 -3.01
N TRP A 9 11.25 -10.91 -3.67
CA TRP A 9 10.48 -9.82 -3.10
C TRP A 9 9.18 -9.65 -3.86
N VAL A 10 8.33 -8.76 -3.35
CA VAL A 10 7.05 -8.45 -3.97
C VAL A 10 6.98 -6.95 -4.22
N GLU A 11 6.59 -6.56 -5.43
CA GLU A 11 6.43 -5.15 -5.73
C GLU A 11 4.98 -4.96 -6.19
N VAL A 12 4.37 -3.87 -5.74
CA VAL A 12 2.99 -3.60 -6.08
C VAL A 12 2.83 -2.27 -6.78
N ILE A 13 1.92 -2.25 -7.76
CA ILE A 13 1.59 -1.07 -8.54
C ILE A 13 0.09 -0.87 -8.32
N VAL A 14 -0.29 0.23 -7.70
CA VAL A 14 -1.69 0.49 -7.41
C VAL A 14 -2.13 1.91 -7.75
N GLY A 15 -3.42 2.07 -8.00
CA GLY A 15 -3.95 3.38 -8.33
C GLY A 15 -5.34 3.18 -8.89
N PRO A 16 -6.06 4.27 -9.20
CA PRO A 16 -7.42 4.12 -9.74
C PRO A 16 -7.37 3.72 -11.21
N MSE A 17 -8.54 3.50 -11.81
CA MSE A 17 -8.58 3.14 -13.21
C MSE A 17 -7.91 4.24 -14.03
O MSE A 17 -8.04 5.42 -13.70
CB MSE A 17 -10.02 2.97 -13.67
CG MSE A 17 -10.70 1.74 -13.10
SE MSE A 17 -12.47 1.56 -13.85
CE MSE A 17 -12.00 1.65 -15.72
N TYR A 18 -7.21 3.84 -15.09
CA TYR A 18 -6.54 4.79 -15.97
C TYR A 18 -5.30 5.44 -15.35
N SER A 19 -4.88 4.96 -14.19
CA SER A 19 -3.71 5.54 -13.52
C SER A 19 -2.43 5.07 -14.24
N GLY A 20 -2.57 3.99 -15.00
CA GLY A 20 -1.45 3.46 -15.76
C GLY A 20 -0.82 2.19 -15.19
N LYS A 21 -1.59 1.43 -14.43
CA LYS A 21 -1.10 0.19 -13.85
C LYS A 21 -0.67 -0.85 -14.90
N SER A 22 -1.50 -1.06 -15.93
CA SER A 22 -1.20 -2.02 -16.99
C SER A 22 0.00 -1.59 -17.81
N GLU A 23 0.04 -0.30 -18.12
CA GLU A 23 1.14 0.27 -18.89
C GLU A 23 2.45 0.02 -18.14
N GLU A 24 2.45 0.28 -16.83
CA GLU A 24 3.66 0.08 -16.03
C GLU A 24 4.01 -1.41 -15.89
N LEU A 25 2.99 -2.23 -15.66
CA LEU A 25 3.22 -3.66 -15.53
C LEU A 25 3.86 -4.18 -16.82
N ILE A 26 3.33 -3.76 -17.97
CA ILE A 26 3.88 -4.17 -19.26
C ILE A 26 5.32 -3.68 -19.40
N ARG A 27 5.58 -2.47 -18.92
CA ARG A 27 6.92 -1.91 -19.02
C ARG A 27 7.93 -2.80 -18.28
N ARG A 28 7.55 -3.23 -17.09
CA ARG A 28 8.43 -4.05 -16.27
C ARG A 28 8.57 -5.45 -16.84
N ILE A 29 7.52 -5.91 -17.51
CA ILE A 29 7.55 -7.22 -18.12
C ILE A 29 8.56 -7.23 -19.27
N ARG A 30 8.50 -6.21 -20.11
CA ARG A 30 9.41 -6.13 -21.25
C ARG A 30 10.86 -5.94 -20.81
N ARG A 31 11.07 -5.25 -19.70
CA ARG A 31 12.43 -5.05 -19.22
C ARG A 31 13.00 -6.37 -18.69
N ALA A 32 12.17 -7.15 -18.00
CA ALA A 32 12.63 -8.43 -17.47
C ALA A 32 13.07 -9.31 -18.64
N LYS A 33 12.30 -9.29 -19.72
CA LYS A 33 12.64 -10.10 -20.89
C LYS A 33 13.95 -9.66 -21.53
N ILE A 34 14.18 -8.36 -21.55
CA ILE A 34 15.43 -7.85 -22.12
C ILE A 34 16.57 -8.28 -21.20
N ALA A 35 16.25 -8.43 -19.91
CA ALA A 35 17.24 -8.86 -18.93
C ALA A 35 17.44 -10.38 -19.01
N LYS A 36 16.69 -11.03 -19.90
CA LYS A 36 16.78 -12.48 -20.10
C LYS A 36 16.32 -13.30 -18.90
N GLN A 37 15.31 -12.78 -18.21
CA GLN A 37 14.74 -13.45 -17.05
C GLN A 37 13.40 -14.05 -17.44
N LYS A 38 13.25 -15.35 -17.25
CA LYS A 38 12.00 -16.02 -17.60
C LYS A 38 10.88 -15.45 -16.73
N ILE A 39 9.79 -15.06 -17.38
CA ILE A 39 8.66 -14.49 -16.66
C ILE A 39 7.36 -15.08 -17.15
N GLN A 40 6.43 -15.20 -16.22
CA GLN A 40 5.09 -15.70 -16.49
C GLN A 40 4.13 -14.59 -16.09
N VAL A 41 3.16 -14.30 -16.96
CA VAL A 41 2.20 -13.25 -16.68
C VAL A 41 0.83 -13.88 -16.42
N PHE A 42 0.11 -13.36 -15.43
CA PHE A 42 -1.21 -13.88 -15.06
C PHE A 42 -2.30 -12.79 -14.92
N LYS A 43 -3.51 -13.12 -15.35
CA LYS A 43 -4.66 -12.22 -15.29
C LYS A 43 -5.92 -13.05 -15.05
N PRO A 44 -6.95 -12.46 -14.44
CA PRO A 44 -8.18 -13.23 -14.20
C PRO A 44 -9.03 -13.46 -15.45
N GLU A 45 -10.03 -14.33 -15.34
CA GLU A 45 -10.94 -14.65 -16.44
C GLU A 45 -11.53 -13.38 -17.07
N GLU A 53 -5.95 -13.80 -24.10
CA GLU A 53 -5.52 -13.79 -22.71
C GLU A 53 -4.37 -12.80 -22.52
N ASP A 54 -4.46 -11.67 -23.21
CA ASP A 54 -3.42 -10.64 -23.13
C ASP A 54 -3.75 -9.55 -22.11
N VAL A 55 -2.72 -9.00 -21.47
CA VAL A 55 -2.90 -7.90 -20.55
C VAL A 55 -2.80 -6.67 -21.44
N VAL A 56 -3.85 -5.85 -21.47
CA VAL A 56 -3.87 -4.68 -22.32
C VAL A 56 -4.01 -3.36 -21.58
N SER A 57 -3.37 -2.33 -22.10
CA SER A 57 -3.41 -0.99 -21.51
C SER A 57 -4.27 -0.05 -22.35
N HIS A 58 -5.06 0.80 -21.68
CA HIS A 58 -5.93 1.75 -22.36
C HIS A 58 -5.17 2.65 -23.33
N MSE A 59 -3.84 2.72 -23.16
CA MSE A 59 -3.04 3.57 -24.02
C MSE A 59 -2.48 2.86 -25.26
O MSE A 59 -1.83 3.47 -26.10
CB MSE A 59 -1.93 4.24 -23.20
CG MSE A 59 -0.51 4.02 -23.71
SE MSE A 59 0.27 2.35 -23.11
CE MSE A 59 2.11 2.68 -23.67
N GLY A 60 -2.74 1.55 -25.37
CA GLY A 60 -2.28 0.83 -26.55
C GLY A 60 -1.61 -0.52 -26.41
N GLU A 61 -0.44 -0.53 -25.79
CA GLU A 61 0.35 -1.76 -25.63
C GLU A 61 -0.33 -2.95 -24.97
N LYS A 62 0.24 -4.13 -25.21
CA LYS A 62 -0.27 -5.39 -24.67
C LYS A 62 0.83 -6.45 -24.53
N GLU A 63 0.62 -7.39 -23.62
CA GLU A 63 1.57 -8.47 -23.38
C GLU A 63 0.85 -9.81 -23.20
N GLN A 64 1.47 -10.87 -23.70
CA GLN A 64 0.88 -12.21 -23.59
C GLN A 64 0.76 -12.57 -22.11
N ALA A 65 -0.34 -13.20 -21.75
CA ALA A 65 -0.58 -13.61 -20.37
C ALA A 65 -1.42 -14.87 -20.32
N VAL A 66 -1.42 -15.53 -19.17
CA VAL A 66 -2.19 -16.73 -18.98
C VAL A 66 -3.37 -16.39 -18.08
N ALA A 67 -4.58 -16.45 -18.63
CA ALA A 67 -5.79 -16.16 -17.87
C ALA A 67 -6.02 -17.30 -16.87
N ILE A 68 -6.40 -16.94 -15.65
CA ILE A 68 -6.65 -17.94 -14.62
C ILE A 68 -7.92 -17.59 -13.85
N LYS A 69 -8.67 -18.61 -13.47
CA LYS A 69 -9.94 -18.45 -12.76
C LYS A 69 -9.81 -18.06 -11.30
N ASN A 70 -8.70 -18.42 -10.66
CA ASN A 70 -8.51 -18.09 -9.26
C ASN A 70 -7.03 -18.07 -8.86
N SER A 71 -6.79 -17.71 -7.60
CA SER A 71 -5.43 -17.62 -7.05
C SER A 71 -4.66 -18.93 -7.09
N ARG A 72 -5.30 -20.02 -6.67
CA ARG A 72 -4.69 -21.34 -6.64
C ARG A 72 -4.07 -21.76 -7.99
N GLU A 73 -4.75 -21.43 -9.08
CA GLU A 73 -4.24 -21.81 -10.40
C GLU A 73 -2.85 -21.27 -10.71
N ILE A 74 -2.41 -20.26 -9.96
CA ILE A 74 -1.07 -19.70 -10.17
C ILE A 74 -0.04 -20.80 -9.96
N LEU A 75 -0.16 -21.51 -8.83
CA LEU A 75 0.77 -22.59 -8.49
C LEU A 75 0.68 -23.74 -9.49
N LYS A 76 -0.49 -23.90 -10.11
CA LYS A 76 -0.69 -24.98 -11.07
C LYS A 76 0.03 -24.70 -12.39
N TYR A 77 -0.02 -23.44 -12.81
CA TYR A 77 0.63 -23.01 -14.05
C TYR A 77 2.09 -22.62 -13.81
N PHE A 78 2.47 -22.49 -12.54
CA PHE A 78 3.83 -22.10 -12.17
C PHE A 78 4.90 -23.09 -12.63
N GLU A 79 5.94 -22.59 -13.27
CA GLU A 79 7.05 -23.42 -13.73
C GLU A 79 8.28 -22.98 -12.95
N GLU A 80 8.92 -23.92 -12.25
CA GLU A 80 10.08 -23.64 -11.43
C GLU A 80 11.19 -22.91 -12.17
N ASP A 81 11.09 -22.95 -13.49
CA ASP A 81 12.06 -22.31 -14.36
C ASP A 81 11.93 -20.77 -14.35
N THR A 82 10.72 -20.25 -14.13
CA THR A 82 10.52 -18.80 -14.15
C THR A 82 11.09 -18.03 -12.95
N GLU A 83 11.64 -16.85 -13.25
CA GLU A 83 12.26 -15.99 -12.26
C GLU A 83 11.35 -14.85 -11.80
N VAL A 84 10.46 -14.42 -12.70
CA VAL A 84 9.55 -13.33 -12.41
C VAL A 84 8.11 -13.69 -12.73
N ILE A 85 7.23 -13.40 -11.77
CA ILE A 85 5.80 -13.65 -11.93
C ILE A 85 5.11 -12.29 -11.95
N ALA A 86 4.32 -12.02 -12.99
CA ALA A 86 3.58 -10.75 -13.07
C ALA A 86 2.08 -11.02 -13.05
N ILE A 87 1.36 -10.31 -12.19
CA ILE A 87 -0.09 -10.49 -12.08
C ILE A 87 -0.86 -9.17 -12.22
N ASP A 88 -1.82 -9.13 -13.14
CA ASP A 88 -2.62 -7.92 -13.36
C ASP A 88 -4.00 -8.03 -12.72
N GLU A 89 -4.70 -6.90 -12.62
CA GLU A 89 -6.05 -6.84 -12.06
C GLU A 89 -6.17 -7.67 -10.79
N VAL A 90 -5.21 -7.51 -9.90
CA VAL A 90 -5.17 -8.27 -8.65
C VAL A 90 -6.36 -8.10 -7.72
N GLN A 91 -7.03 -6.96 -7.79
CA GLN A 91 -8.16 -6.71 -6.90
C GLN A 91 -9.28 -7.74 -7.02
N PHE A 92 -9.25 -8.55 -8.08
CA PHE A 92 -10.29 -9.55 -8.25
C PHE A 92 -10.00 -10.93 -7.64
N PHE A 93 -8.73 -11.22 -7.34
CA PHE A 93 -8.40 -12.50 -6.75
C PHE A 93 -8.76 -12.56 -5.27
N ASP A 94 -9.00 -13.77 -4.77
CA ASP A 94 -9.35 -13.95 -3.36
C ASP A 94 -8.10 -13.68 -2.51
N ASP A 95 -8.28 -13.63 -1.20
CA ASP A 95 -7.18 -13.36 -0.27
C ASP A 95 -6.04 -14.37 -0.24
N GLU A 96 -6.23 -15.56 -0.82
CA GLU A 96 -5.16 -16.56 -0.79
C GLU A 96 -3.97 -16.11 -1.63
N ILE A 97 -4.22 -15.21 -2.56
CA ILE A 97 -3.16 -14.72 -3.44
C ILE A 97 -2.03 -14.10 -2.61
N VAL A 98 -2.36 -13.62 -1.42
CA VAL A 98 -1.34 -13.00 -0.56
C VAL A 98 -0.29 -14.01 -0.09
N GLU A 99 -0.73 -15.12 0.48
CA GLU A 99 0.22 -16.13 0.93
C GLU A 99 0.95 -16.70 -0.29
N ILE A 100 0.21 -16.92 -1.39
CA ILE A 100 0.81 -17.45 -2.60
C ILE A 100 1.94 -16.56 -3.11
N VAL A 101 1.68 -15.25 -3.15
CA VAL A 101 2.67 -14.29 -3.61
C VAL A 101 3.85 -14.23 -2.64
N ASN A 102 3.56 -14.26 -1.34
CA ASN A 102 4.62 -14.21 -0.32
C ASN A 102 5.51 -15.45 -0.46
N LYS A 103 4.89 -16.59 -0.74
CA LYS A 103 5.62 -17.85 -0.90
C LYS A 103 6.57 -17.80 -2.09
N ILE A 104 6.11 -17.22 -3.19
CA ILE A 104 6.94 -17.14 -4.36
C ILE A 104 8.15 -16.24 -4.08
N ALA A 105 7.92 -15.14 -3.38
CA ALA A 105 9.00 -14.22 -3.02
C ALA A 105 9.99 -14.90 -2.09
N GLU A 106 9.47 -15.65 -1.12
CA GLU A 106 10.32 -16.35 -0.17
C GLU A 106 11.13 -17.42 -0.90
N SER A 107 10.61 -17.94 -2.00
CA SER A 107 11.36 -18.95 -2.74
C SER A 107 12.54 -18.33 -3.50
N GLY A 108 12.63 -17.00 -3.47
CA GLY A 108 13.73 -16.32 -4.13
C GLY A 108 13.43 -15.75 -5.50
N ARG A 109 12.15 -15.56 -5.79
CA ARG A 109 11.74 -15.02 -7.08
C ARG A 109 11.08 -13.65 -6.90
N ARG A 110 10.90 -12.94 -8.00
CA ARG A 110 10.28 -11.63 -7.97
C ARG A 110 8.81 -11.70 -8.38
N VAL A 111 7.95 -11.03 -7.62
CA VAL A 111 6.53 -11.00 -7.96
C VAL A 111 6.06 -9.57 -8.14
N ILE A 112 5.43 -9.31 -9.28
CA ILE A 112 4.94 -7.97 -9.59
C ILE A 112 3.41 -7.99 -9.65
N CYS A 113 2.76 -7.26 -8.74
CA CYS A 113 1.30 -7.21 -8.71
C CYS A 113 0.79 -5.82 -9.06
N ALA A 114 -0.29 -5.78 -9.86
CA ALA A 114 -0.90 -4.50 -10.23
C ALA A 114 -2.40 -4.61 -9.96
N GLY A 115 -2.99 -3.56 -9.40
CA GLY A 115 -4.41 -3.58 -9.12
C GLY A 115 -4.95 -2.37 -8.38
N LEU A 116 -6.27 -2.21 -8.44
CA LEU A 116 -6.97 -1.12 -7.79
C LEU A 116 -6.79 -1.14 -6.28
N ASP A 117 -6.61 0.03 -5.68
CA ASP A 117 -6.45 0.10 -4.25
C ASP A 117 -7.81 0.26 -3.57
N MSE A 118 -8.74 0.93 -4.24
CA MSE A 118 -10.11 1.15 -3.72
C MSE A 118 -11.16 0.86 -4.80
O MSE A 118 -10.86 0.86 -5.99
CB MSE A 118 -10.30 2.59 -3.25
CG MSE A 118 -9.47 3.01 -2.03
SE MSE A 118 -9.60 4.93 -1.72
CE MSE A 118 -8.07 5.45 -2.84
N ASP A 119 -12.40 0.64 -4.36
CA ASP A 119 -13.49 0.42 -5.32
C ASP A 119 -14.12 1.79 -5.64
N PHE A 120 -15.20 1.82 -6.41
CA PHE A 120 -15.83 3.09 -6.78
C PHE A 120 -16.34 3.89 -5.57
N ARG A 121 -16.55 3.19 -4.46
CA ARG A 121 -17.04 3.84 -3.25
C ARG A 121 -15.88 4.43 -2.45
N GLY A 122 -14.66 4.14 -2.88
CA GLY A 122 -13.49 4.65 -2.18
C GLY A 122 -13.09 3.76 -1.01
N LYS A 123 -13.59 2.53 -1.00
CA LYS A 123 -13.26 1.59 0.07
C LYS A 123 -12.13 0.65 -0.35
N PRO A 124 -11.24 0.28 0.59
CA PRO A 124 -10.12 -0.62 0.31
C PRO A 124 -10.63 -1.85 -0.45
N PHE A 125 -10.03 -2.09 -1.62
CA PHE A 125 -10.44 -3.16 -2.51
C PHE A 125 -9.68 -4.48 -2.44
N GLY A 126 -10.39 -5.56 -2.09
CA GLY A 126 -9.81 -6.89 -2.01
C GLY A 126 -8.49 -7.14 -1.30
N PRO A 127 -7.57 -7.87 -1.94
CA PRO A 127 -6.26 -8.21 -1.41
C PRO A 127 -5.19 -7.10 -1.42
N ILE A 128 -5.32 -6.15 -2.34
CA ILE A 128 -4.34 -5.07 -2.45
C ILE A 128 -3.85 -4.47 -1.12
N PRO A 129 -4.77 -4.16 -0.18
CA PRO A 129 -4.36 -3.59 1.11
C PRO A 129 -3.31 -4.43 1.82
N GLU A 130 -3.58 -5.73 1.91
CA GLU A 130 -2.67 -6.69 2.57
C GLU A 130 -1.38 -6.83 1.75
N LEU A 131 -1.51 -6.84 0.42
CA LEU A 131 -0.33 -6.95 -0.45
C LEU A 131 0.58 -5.74 -0.28
N MSE A 132 -0.01 -4.56 -0.11
CA MSE A 132 0.78 -3.34 0.08
C MSE A 132 1.57 -3.39 1.39
O MSE A 132 2.70 -2.91 1.46
CB MSE A 132 -0.12 -2.10 0.09
CG MSE A 132 -0.74 -1.77 -1.28
SE MSE A 132 -1.89 -0.24 -1.24
CE MSE A 132 -0.53 1.09 -1.14
N ALA A 133 0.97 -3.96 2.42
CA ALA A 133 1.63 -4.08 3.73
C ALA A 133 2.83 -5.02 3.73
N ILE A 134 2.75 -6.10 2.94
CA ILE A 134 3.85 -7.07 2.90
C ILE A 134 4.88 -6.86 1.79
N ALA A 135 4.55 -6.07 0.78
CA ALA A 135 5.46 -5.86 -0.34
C ALA A 135 6.67 -4.98 -0.01
N GLU A 136 7.80 -5.30 -0.63
CA GLU A 136 9.01 -4.54 -0.43
C GLU A 136 8.93 -3.22 -1.18
N PHE A 137 8.23 -3.22 -2.32
CA PHE A 137 8.10 -2.02 -3.12
C PHE A 137 6.64 -1.69 -3.39
N VAL A 138 6.27 -0.45 -3.14
CA VAL A 138 4.90 -0.02 -3.37
C VAL A 138 4.89 1.28 -4.15
N ASP A 139 4.28 1.25 -5.33
CA ASP A 139 4.18 2.45 -6.14
C ASP A 139 2.71 2.79 -6.34
N LYS A 140 2.26 3.87 -5.72
CA LYS A 140 0.89 4.29 -5.89
C LYS A 140 0.93 5.38 -6.95
N ILE A 141 0.28 5.12 -8.08
CA ILE A 141 0.28 6.06 -9.18
C ILE A 141 -1.08 6.72 -9.38
N GLN A 142 -1.07 7.91 -9.96
CA GLN A 142 -2.28 8.68 -10.17
C GLN A 142 -2.67 8.82 -11.63
N ALA A 143 -3.96 9.05 -11.86
CA ALA A 143 -4.47 9.28 -13.20
C ALA A 143 -4.68 10.80 -13.21
N ILE A 144 -5.37 11.32 -14.21
CA ILE A 144 -5.65 12.75 -14.27
C ILE A 144 -7.16 12.89 -14.11
N CYS A 145 -7.61 13.79 -13.23
CA CYS A 145 -9.04 13.99 -13.00
C CYS A 145 -9.71 14.60 -14.23
N VAL A 146 -10.70 13.90 -14.79
CA VAL A 146 -11.41 14.40 -15.98
C VAL A 146 -12.26 15.63 -15.67
N VAL A 147 -12.35 15.98 -14.40
CA VAL A 147 -13.16 17.11 -13.98
C VAL A 147 -12.36 18.40 -13.81
N CYS A 148 -11.22 18.33 -13.13
CA CYS A 148 -10.43 19.54 -12.87
C CYS A 148 -8.97 19.51 -13.31
N GLY A 149 -8.48 18.37 -13.78
CA GLY A 149 -7.10 18.31 -14.24
C GLY A 149 -6.04 17.96 -13.21
N ASN A 150 -6.37 17.98 -11.93
CA ASN A 150 -5.39 17.62 -10.92
C ASN A 150 -5.21 16.10 -10.92
N PRO A 151 -4.20 15.59 -10.19
CA PRO A 151 -4.00 14.14 -10.17
C PRO A 151 -5.23 13.41 -9.64
N ALA A 152 -5.65 12.36 -10.33
CA ALA A 152 -6.83 11.59 -9.92
C ALA A 152 -6.38 10.37 -9.11
N THR A 153 -7.05 10.13 -8.00
CA THR A 153 -6.70 9.02 -7.13
C THR A 153 -7.89 8.11 -6.84
N ARG A 154 -9.04 8.44 -7.42
CA ARG A 154 -10.27 7.68 -7.20
C ARG A 154 -10.93 7.30 -8.51
N THR A 155 -11.65 6.19 -8.49
CA THR A 155 -12.37 5.77 -9.69
C THR A 155 -13.84 6.13 -9.50
N GLN A 156 -14.37 6.94 -10.41
CA GLN A 156 -15.76 7.36 -10.32
C GLN A 156 -16.64 6.49 -11.21
N ARG A 157 -17.69 5.92 -10.61
CA ARG A 157 -18.65 5.08 -11.31
C ARG A 157 -19.84 5.96 -11.64
N LEU A 158 -20.33 5.87 -12.88
CA LEU A 158 -21.47 6.67 -13.30
C LEU A 158 -22.58 5.84 -13.92
N ILE A 159 -23.82 6.19 -13.60
CA ILE A 159 -24.98 5.51 -14.16
C ILE A 159 -25.85 6.60 -14.74
N ASN A 160 -26.10 6.52 -16.05
CA ASN A 160 -26.90 7.52 -16.75
C ASN A 160 -26.16 8.86 -16.70
N GLY A 161 -24.86 8.80 -16.42
CA GLY A 161 -24.05 10.00 -16.36
C GLY A 161 -24.03 10.66 -15.00
N LYS A 162 -24.61 10.01 -14.00
CA LYS A 162 -24.65 10.54 -12.65
C LYS A 162 -24.01 9.55 -11.68
N PRO A 163 -23.39 10.04 -10.60
CA PRO A 163 -22.73 9.19 -9.61
C PRO A 163 -23.60 8.13 -8.93
N ALA A 164 -23.09 6.91 -8.88
CA ALA A 164 -23.79 5.78 -8.27
C ALA A 164 -23.80 5.90 -6.75
N PHE A 165 -24.80 5.30 -6.11
CA PHE A 165 -24.89 5.34 -4.65
C PHE A 165 -23.95 4.35 -4.00
N TYR A 166 -23.67 4.56 -2.72
CA TYR A 166 -22.79 3.68 -1.95
C TYR A 166 -23.29 2.25 -1.92
N ASP A 167 -24.49 2.06 -1.39
CA ASP A 167 -25.09 0.72 -1.28
C ASP A 167 -25.72 0.27 -2.60
N ASP A 168 -25.00 0.50 -3.70
CA ASP A 168 -25.49 0.13 -5.01
C ASP A 168 -24.75 -1.10 -5.54
N PRO A 169 -25.46 -2.24 -5.69
CA PRO A 169 -24.83 -3.45 -6.19
C PRO A 169 -24.33 -3.30 -7.64
N VAL A 170 -24.00 -4.42 -8.26
CA VAL A 170 -23.50 -4.42 -9.62
C VAL A 170 -24.40 -5.24 -10.55
N MSE A 176 -25.30 3.28 -20.10
CA MSE A 176 -25.98 3.22 -18.81
C MSE A 176 -25.02 3.29 -17.62
O MSE A 176 -25.38 3.77 -16.55
CB MSE A 176 -26.80 1.93 -18.72
CG MSE A 176 -28.28 2.11 -19.04
SE MSE A 176 -28.63 2.96 -20.75
CE MSE A 176 -28.87 4.77 -20.12
N GLU A 177 -23.79 2.83 -17.82
CA GLU A 177 -22.80 2.84 -16.76
C GLU A 177 -21.38 3.04 -17.29
N SER A 178 -20.66 3.99 -16.70
CA SER A 178 -19.30 4.27 -17.13
C SER A 178 -18.37 4.53 -15.94
N TYR A 179 -17.08 4.58 -16.23
CA TYR A 179 -16.04 4.82 -15.22
C TYR A 179 -15.06 5.88 -15.69
N GLU A 180 -14.50 6.63 -14.74
CA GLU A 180 -13.54 7.67 -15.05
C GLU A 180 -12.77 8.01 -13.78
N ALA A 181 -11.53 8.49 -13.94
CA ALA A 181 -10.71 8.82 -12.80
C ALA A 181 -10.97 10.23 -12.30
N ARG A 182 -11.01 10.37 -10.99
CA ARG A 182 -11.23 11.67 -10.36
C ARG A 182 -10.34 11.84 -9.14
N CYS A 183 -10.17 13.09 -8.71
CA CYS A 183 -9.38 13.38 -7.52
C CYS A 183 -10.35 13.25 -6.34
N ARG A 184 -9.82 13.36 -5.13
CA ARG A 184 -10.65 13.24 -3.93
C ARG A 184 -11.76 14.30 -3.89
N LYS A 185 -11.43 15.52 -4.29
CA LYS A 185 -12.40 16.60 -4.28
C LYS A 185 -13.58 16.35 -5.24
N CYS A 186 -13.28 15.96 -6.47
CA CYS A 186 -14.31 15.74 -7.47
C CYS A 186 -15.04 14.40 -7.38
N HIS A 187 -14.44 13.41 -6.72
CA HIS A 187 -15.06 12.10 -6.56
C HIS A 187 -16.34 12.26 -5.74
N VAL A 188 -17.47 11.81 -6.28
CA VAL A 188 -18.74 11.93 -5.58
C VAL A 188 -19.41 10.58 -5.35
N VAL A 189 -19.67 10.26 -4.10
CA VAL A 189 -20.32 9.00 -3.74
C VAL A 189 -21.49 9.31 -2.83
N PRO A 190 -22.70 9.43 -3.40
CA PRO A 190 -23.88 9.72 -2.56
C PRO A 190 -24.26 8.49 -1.74
N GLN A 191 -24.58 8.70 -0.47
CA GLN A 191 -24.97 7.60 0.40
C GLN A 191 -26.30 7.89 1.08
N TYR B 2 -1.15 21.79 -7.54
CA TYR B 2 -1.44 20.46 -6.91
C TYR B 2 -1.58 20.59 -5.39
N ARG B 3 -2.59 19.91 -4.84
CA ARG B 3 -2.85 19.96 -3.40
C ARG B 3 -2.95 21.43 -3.00
N PRO B 4 -3.73 22.22 -3.74
CA PRO B 4 -3.86 23.64 -3.40
C PRO B 4 -4.67 23.86 -2.14
N LYS B 5 -4.94 25.13 -1.86
CA LYS B 5 -5.69 25.55 -0.69
C LYS B 5 -6.97 24.74 -0.47
N ASP B 6 -7.14 24.22 0.73
CA ASP B 6 -8.32 23.47 1.12
C ASP B 6 -8.61 22.18 0.36
N HIS B 7 -7.57 21.54 -0.16
CA HIS B 7 -7.70 20.26 -0.84
C HIS B 7 -6.94 19.33 0.11
N GLY B 8 -7.66 18.45 0.81
CA GLY B 8 -7.00 17.56 1.76
C GLY B 8 -6.55 16.22 1.21
N TRP B 9 -5.68 15.55 1.97
CA TRP B 9 -5.18 14.23 1.56
C TRP B 9 -4.57 13.48 2.73
N VAL B 10 -4.25 12.21 2.49
CA VAL B 10 -3.63 11.35 3.47
C VAL B 10 -2.31 10.79 2.93
N GLU B 11 -1.24 10.94 3.69
CA GLU B 11 0.05 10.41 3.28
C GLU B 11 0.53 9.47 4.38
N VAL B 12 1.10 8.34 3.97
CA VAL B 12 1.56 7.36 4.94
C VAL B 12 3.04 7.08 4.80
N ILE B 13 3.69 6.85 5.94
CA ILE B 13 5.11 6.52 6.01
C ILE B 13 5.21 5.17 6.72
N VAL B 14 5.59 4.12 5.99
CA VAL B 14 5.70 2.78 6.58
C VAL B 14 7.05 2.11 6.37
N GLY B 15 7.34 1.12 7.21
CA GLY B 15 8.60 0.39 7.11
C GLY B 15 8.87 -0.29 8.44
N PRO B 16 9.90 -1.14 8.53
CA PRO B 16 10.18 -1.83 9.80
C PRO B 16 10.80 -0.89 10.82
N MSE B 17 11.06 -1.39 12.01
CA MSE B 17 11.69 -0.56 13.03
C MSE B 17 13.03 -0.06 12.49
O MSE B 17 13.67 -0.75 11.68
CB MSE B 17 11.92 -1.33 14.32
CG MSE B 17 10.66 -1.51 15.15
SE MSE B 17 11.05 -2.48 16.80
CE MSE B 17 12.13 -1.14 17.68
N TYR B 18 13.43 1.12 12.93
CA TYR B 18 14.68 1.74 12.52
C TYR B 18 14.74 2.13 11.03
N SER B 19 13.62 2.02 10.32
CA SER B 19 13.63 2.38 8.90
C SER B 19 13.71 3.89 8.71
N GLY B 20 13.40 4.63 9.77
CA GLY B 20 13.46 6.08 9.73
C GLY B 20 12.12 6.80 9.69
N LYS B 21 11.06 6.12 10.12
CA LYS B 21 9.72 6.70 10.11
C LYS B 21 9.59 7.97 10.97
N SER B 22 10.10 7.92 12.19
CA SER B 22 10.02 9.08 13.09
C SER B 22 10.84 10.25 12.56
N GLU B 23 12.02 9.94 12.04
CA GLU B 23 12.91 10.96 11.49
C GLU B 23 12.21 11.64 10.31
N GLU B 24 11.57 10.85 9.46
CA GLU B 24 10.86 11.41 8.32
C GLU B 24 9.65 12.22 8.79
N LEU B 25 8.88 11.66 9.72
CA LEU B 25 7.70 12.37 10.23
C LEU B 25 8.12 13.73 10.81
N ILE B 26 9.16 13.71 11.65
CA ILE B 26 9.66 14.92 12.29
C ILE B 26 10.14 15.93 11.25
N ARG B 27 10.72 15.41 10.17
CA ARG B 27 11.21 16.28 9.09
C ARG B 27 10.03 17.00 8.43
N ARG B 28 8.95 16.26 8.18
CA ARG B 28 7.79 16.87 7.55
C ARG B 28 7.10 17.85 8.48
N ILE B 29 7.16 17.60 9.79
CA ILE B 29 6.55 18.49 10.75
C ILE B 29 7.32 19.82 10.80
N ARG B 30 8.65 19.75 10.69
CA ARG B 30 9.45 20.98 10.71
C ARG B 30 9.23 21.79 9.44
N ARG B 31 9.01 21.10 8.34
CA ARG B 31 8.78 21.78 7.06
C ARG B 31 7.44 22.52 7.07
N ALA B 32 6.41 21.87 7.59
CA ALA B 32 5.09 22.49 7.65
C ALA B 32 5.15 23.73 8.55
N LYS B 33 5.97 23.67 9.60
CA LYS B 33 6.09 24.80 10.50
C LYS B 33 6.76 25.97 9.78
N ILE B 34 7.75 25.66 8.96
CA ILE B 34 8.44 26.70 8.21
C ILE B 34 7.49 27.30 7.18
N ALA B 35 6.55 26.48 6.71
CA ALA B 35 5.56 26.96 5.75
C ALA B 35 4.46 27.74 6.46
N LYS B 36 4.63 27.91 7.78
CA LYS B 36 3.69 28.65 8.61
C LYS B 36 2.32 27.97 8.72
N GLN B 37 2.32 26.63 8.80
CA GLN B 37 1.09 25.86 8.91
C GLN B 37 0.89 25.30 10.32
N LYS B 38 -0.31 25.48 10.86
CA LYS B 38 -0.62 24.98 12.19
C LYS B 38 -0.72 23.46 12.16
N ILE B 39 0.02 22.79 13.04
CA ILE B 39 0.01 21.34 13.07
C ILE B 39 -0.19 20.73 14.46
N GLN B 40 -0.95 19.63 14.50
CA GLN B 40 -1.21 18.89 15.73
C GLN B 40 -0.66 17.47 15.57
N VAL B 41 0.06 17.00 16.58
CA VAL B 41 0.66 15.67 16.56
C VAL B 41 0.01 14.75 17.60
N PHE B 42 -0.23 13.50 17.21
CA PHE B 42 -0.85 12.49 18.08
C PHE B 42 -0.06 11.18 18.09
N LYS B 43 -0.23 10.42 19.18
CA LYS B 43 0.45 9.13 19.36
C LYS B 43 -0.48 8.18 20.12
N PRO B 44 -0.16 6.88 20.13
CA PRO B 44 -1.02 5.93 20.87
C PRO B 44 -0.68 6.08 22.35
N GLU B 45 0.05 7.17 22.65
CA GLU B 45 0.51 7.53 23.99
C GLU B 45 1.82 6.83 24.33
N ALA B 65 2.79 17.07 19.53
CA ALA B 65 3.22 16.15 20.58
C ALA B 65 2.11 15.98 21.61
N VAL B 66 1.11 15.16 21.27
CA VAL B 66 -0.03 14.92 22.17
C VAL B 66 -0.41 13.45 22.29
N ALA B 67 0.11 12.79 23.31
CA ALA B 67 -0.19 11.38 23.54
C ALA B 67 -1.67 11.22 23.80
N ILE B 68 -2.27 10.18 23.25
CA ILE B 68 -3.70 9.93 23.44
C ILE B 68 -4.02 8.45 23.37
N LYS B 69 -5.22 8.09 23.80
CA LYS B 69 -5.68 6.71 23.79
C LYS B 69 -6.19 6.32 22.40
N ASN B 70 -7.43 5.84 22.34
CA ASN B 70 -8.03 5.42 21.08
C ASN B 70 -8.05 6.47 19.95
N SER B 71 -8.64 6.09 18.82
CA SER B 71 -8.73 6.94 17.64
C SER B 71 -9.84 7.99 17.73
N ARG B 72 -10.90 7.67 18.45
CA ARG B 72 -12.03 8.58 18.60
C ARG B 72 -11.62 9.80 19.45
N GLU B 73 -10.47 9.72 20.10
CA GLU B 73 -9.98 10.80 20.95
C GLU B 73 -9.20 11.86 20.18
N ILE B 74 -9.06 11.66 18.87
CA ILE B 74 -8.36 12.63 18.03
C ILE B 74 -9.32 13.79 17.74
N LEU B 75 -10.56 13.44 17.46
CA LEU B 75 -11.60 14.42 17.17
C LEU B 75 -11.75 15.38 18.36
N LYS B 76 -11.60 14.84 19.57
CA LYS B 76 -11.71 15.62 20.79
C LYS B 76 -10.70 16.76 20.79
N TYR B 77 -9.41 16.41 20.77
CA TYR B 77 -8.32 17.39 20.78
C TYR B 77 -8.19 18.19 19.49
N PHE B 78 -8.85 17.77 18.43
CA PHE B 78 -8.75 18.47 17.14
C PHE B 78 -9.21 19.93 17.13
N GLU B 79 -8.28 20.83 16.80
CA GLU B 79 -8.58 22.25 16.72
C GLU B 79 -8.78 22.62 15.24
N GLU B 80 -9.96 23.16 14.92
CA GLU B 80 -10.30 23.55 13.55
C GLU B 80 -9.29 24.51 12.92
N ASP B 81 -8.45 25.08 13.75
CA ASP B 81 -7.42 26.02 13.34
C ASP B 81 -6.25 25.31 12.63
N THR B 82 -6.04 24.03 12.96
CA THR B 82 -4.92 23.29 12.38
C THR B 82 -5.11 22.87 10.93
N GLU B 83 -4.02 22.93 10.18
CA GLU B 83 -4.02 22.57 8.77
C GLU B 83 -3.40 21.20 8.51
N VAL B 84 -2.51 20.79 9.41
CA VAL B 84 -1.81 19.50 9.27
C VAL B 84 -1.89 18.65 10.53
N ILE B 85 -2.31 17.40 10.36
CA ILE B 85 -2.43 16.45 11.46
C ILE B 85 -1.46 15.28 11.27
N ALA B 86 -0.55 15.10 12.22
CA ALA B 86 0.43 14.02 12.18
C ALA B 86 0.12 12.93 13.21
N ILE B 87 0.12 11.68 12.76
CA ILE B 87 -0.15 10.56 13.66
C ILE B 87 0.98 9.54 13.59
N ASP B 88 1.68 9.35 14.70
CA ASP B 88 2.78 8.40 14.77
C ASP B 88 2.33 7.07 15.38
N GLU B 89 3.08 6.01 15.09
CA GLU B 89 2.78 4.66 15.59
C GLU B 89 1.34 4.27 15.29
N VAL B 90 0.88 4.63 14.10
CA VAL B 90 -0.50 4.36 13.70
C VAL B 90 -0.95 2.91 13.75
N GLN B 91 -0.02 1.97 13.63
CA GLN B 91 -0.40 0.57 13.64
C GLN B 91 -1.02 0.09 14.95
N PHE B 92 -0.92 0.92 16.00
CA PHE B 92 -1.47 0.56 17.30
C PHE B 92 -2.93 0.99 17.51
N PHE B 93 -3.43 1.88 16.66
CA PHE B 93 -4.82 2.34 16.80
C PHE B 93 -5.81 1.33 16.25
N ASP B 94 -7.06 1.46 16.69
CA ASP B 94 -8.14 0.59 16.24
C ASP B 94 -8.45 0.92 14.80
N ASP B 95 -9.30 0.12 14.16
CA ASP B 95 -9.65 0.37 12.77
C ASP B 95 -10.41 1.66 12.49
N GLU B 96 -10.96 2.28 13.53
CA GLU B 96 -11.69 3.54 13.35
C GLU B 96 -10.78 4.62 12.77
N ILE B 97 -9.49 4.51 13.06
CA ILE B 97 -8.50 5.48 12.59
C ILE B 97 -8.64 5.76 11.10
N VAL B 98 -8.97 4.74 10.32
CA VAL B 98 -9.13 4.89 8.88
C VAL B 98 -10.23 5.92 8.57
N GLU B 99 -11.39 5.77 9.21
CA GLU B 99 -12.51 6.68 9.01
C GLU B 99 -12.15 8.11 9.42
N ILE B 100 -11.59 8.24 10.62
CA ILE B 100 -11.21 9.54 11.13
C ILE B 100 -10.23 10.24 10.19
N VAL B 101 -9.17 9.55 9.81
CA VAL B 101 -8.17 10.11 8.91
C VAL B 101 -8.82 10.55 7.60
N ASN B 102 -9.65 9.69 7.02
CA ASN B 102 -10.30 10.05 5.76
C ASN B 102 -11.15 11.30 5.97
N LYS B 103 -11.85 11.35 7.09
CA LYS B 103 -12.70 12.49 7.42
C LYS B 103 -11.92 13.80 7.52
N ILE B 104 -10.76 13.76 8.17
CA ILE B 104 -9.95 14.95 8.29
C ILE B 104 -9.48 15.42 6.92
N ALA B 105 -9.14 14.47 6.05
CA ALA B 105 -8.67 14.80 4.71
C ALA B 105 -9.82 15.32 3.87
N GLU B 106 -11.00 14.76 4.09
CA GLU B 106 -12.18 15.17 3.35
C GLU B 106 -12.53 16.61 3.72
N SER B 107 -12.13 17.04 4.90
CA SER B 107 -12.41 18.42 5.33
C SER B 107 -11.37 19.41 4.80
N GLY B 108 -10.50 18.94 3.91
CA GLY B 108 -9.50 19.82 3.32
C GLY B 108 -8.20 19.99 4.08
N ARG B 109 -7.88 19.05 4.95
CA ARG B 109 -6.64 19.13 5.72
C ARG B 109 -5.68 17.99 5.37
N ARG B 110 -4.42 18.15 5.75
CA ARG B 110 -3.40 17.14 5.47
C ARG B 110 -3.17 16.24 6.67
N VAL B 111 -3.14 14.93 6.43
CA VAL B 111 -2.88 13.97 7.50
C VAL B 111 -1.64 13.15 7.17
N ILE B 112 -0.69 13.14 8.07
CA ILE B 112 0.55 12.38 7.88
C ILE B 112 0.56 11.24 8.90
N CYS B 113 0.55 10.01 8.41
CA CYS B 113 0.57 8.83 9.28
C CYS B 113 1.88 8.08 9.16
N ALA B 114 2.41 7.64 10.30
CA ALA B 114 3.65 6.87 10.32
C ALA B 114 3.40 5.61 11.13
N GLY B 115 3.84 4.47 10.62
CA GLY B 115 3.65 3.24 11.35
C GLY B 115 4.30 2.02 10.72
N LEU B 116 4.47 0.98 11.53
CA LEU B 116 5.05 -0.28 11.09
C LEU B 116 4.06 -0.91 10.12
N ASP B 117 4.55 -1.52 9.03
CA ASP B 117 3.64 -2.13 8.09
C ASP B 117 3.32 -3.59 8.46
N MSE B 118 4.26 -4.26 9.11
CA MSE B 118 4.09 -5.65 9.53
C MSE B 118 4.55 -5.84 10.98
O MSE B 118 5.33 -5.04 11.48
CB MSE B 118 4.89 -6.61 8.63
CG MSE B 118 4.41 -6.68 7.16
SE MSE B 118 5.57 -7.84 6.14
CE MSE B 118 6.64 -6.42 5.28
N ASP B 119 4.07 -6.90 11.64
CA ASP B 119 4.51 -7.20 13.02
C ASP B 119 5.78 -8.06 12.92
N PHE B 120 6.26 -8.55 14.06
CA PHE B 120 7.49 -9.36 14.04
C PHE B 120 7.38 -10.65 13.26
N ARG B 121 6.15 -11.14 13.07
CA ARG B 121 5.95 -12.37 12.31
C ARG B 121 5.90 -12.03 10.83
N GLY B 122 5.87 -10.74 10.51
CA GLY B 122 5.81 -10.34 9.13
C GLY B 122 4.37 -10.31 8.63
N LYS B 123 3.42 -10.18 9.55
CA LYS B 123 2.00 -10.14 9.20
C LYS B 123 1.51 -8.69 9.18
N PRO B 124 0.62 -8.34 8.24
CA PRO B 124 0.08 -6.98 8.14
C PRO B 124 -0.34 -6.51 9.54
N PHE B 125 0.19 -5.36 9.94
CA PHE B 125 -0.04 -4.79 11.27
C PHE B 125 -1.23 -3.83 11.39
N GLY B 126 -2.23 -4.24 12.15
CA GLY B 126 -3.40 -3.41 12.38
C GLY B 126 -4.10 -2.80 11.18
N PRO B 127 -4.44 -1.50 11.24
CA PRO B 127 -5.12 -0.82 10.14
C PRO B 127 -4.20 -0.34 9.04
N ILE B 128 -2.93 -0.73 9.09
CA ILE B 128 -1.97 -0.30 8.07
C ILE B 128 -2.40 -0.60 6.64
N PRO B 129 -2.87 -1.84 6.37
CA PRO B 129 -3.29 -2.16 5.00
C PRO B 129 -4.36 -1.21 4.47
N GLU B 130 -5.37 -0.95 5.27
CA GLU B 130 -6.46 -0.05 4.88
C GLU B 130 -6.01 1.41 4.72
N LEU B 131 -5.07 1.86 5.55
CA LEU B 131 -4.58 3.23 5.47
C LEU B 131 -3.77 3.43 4.19
N MSE B 132 -2.95 2.43 3.85
CA MSE B 132 -2.14 2.52 2.65
C MSE B 132 -3.06 2.47 1.43
O MSE B 132 -2.80 3.09 0.41
CB MSE B 132 -1.14 1.36 2.59
CG MSE B 132 -0.08 1.36 3.69
SE MSE B 132 1.09 -0.20 3.59
CE MSE B 132 2.17 0.34 2.04
N ALA B 133 -4.17 1.74 1.58
CA ALA B 133 -5.14 1.61 0.50
C ALA B 133 -5.81 2.93 0.16
N ILE B 134 -6.22 3.69 1.18
CA ILE B 134 -6.89 4.97 0.96
C ILE B 134 -5.97 6.20 0.82
N ALA B 135 -4.72 6.08 1.23
CA ALA B 135 -3.79 7.21 1.17
C ALA B 135 -3.37 7.63 -0.24
N GLU B 136 -3.27 8.95 -0.43
CA GLU B 136 -2.86 9.49 -1.72
C GLU B 136 -1.36 9.30 -1.93
N PHE B 137 -0.60 9.39 -0.84
CA PHE B 137 0.86 9.22 -0.91
C PHE B 137 1.29 8.10 0.03
N VAL B 138 2.08 7.16 -0.50
CA VAL B 138 2.56 6.05 0.30
C VAL B 138 4.07 5.90 0.14
N ASP B 139 4.80 6.03 1.23
CA ASP B 139 6.24 5.88 1.19
C ASP B 139 6.64 4.71 2.08
N LYS B 140 7.14 3.63 1.47
CA LYS B 140 7.61 2.50 2.26
C LYS B 140 9.13 2.68 2.29
N ILE B 141 9.68 2.83 3.47
CA ILE B 141 11.10 3.03 3.62
C ILE B 141 11.79 1.85 4.28
N GLN B 142 13.10 1.74 4.08
CA GLN B 142 13.85 0.62 4.60
C GLN B 142 14.93 0.99 5.61
N ALA B 143 15.26 0.03 6.46
CA ALA B 143 16.33 0.21 7.44
C ALA B 143 17.50 -0.55 6.82
N ILE B 144 18.54 -0.79 7.60
CA ILE B 144 19.70 -1.55 7.11
C ILE B 144 19.71 -2.84 7.90
N CYS B 145 19.87 -3.98 7.23
CA CYS B 145 19.88 -5.28 7.88
C CYS B 145 21.16 -5.47 8.68
N VAL B 146 21.02 -5.60 10.00
CA VAL B 146 22.18 -5.77 10.88
C VAL B 146 22.93 -7.07 10.61
N VAL B 147 22.31 -7.97 9.85
CA VAL B 147 22.95 -9.25 9.56
C VAL B 147 23.78 -9.27 8.29
N CYS B 148 23.25 -8.75 7.18
CA CYS B 148 23.99 -8.77 5.92
C CYS B 148 24.29 -7.41 5.27
N GLY B 149 23.64 -6.35 5.75
CA GLY B 149 23.89 -5.04 5.18
C GLY B 149 22.95 -4.59 4.08
N ASN B 150 22.13 -5.49 3.55
CA ASN B 150 21.19 -5.09 2.52
C ASN B 150 20.03 -4.31 3.15
N PRO B 151 19.15 -3.72 2.30
CA PRO B 151 18.03 -2.99 2.88
C PRO B 151 17.19 -3.92 3.75
N ALA B 152 16.75 -3.44 4.92
CA ALA B 152 15.94 -4.27 5.82
C ALA B 152 14.48 -3.85 5.68
N THR B 153 13.58 -4.83 5.59
CA THR B 153 12.15 -4.55 5.44
C THR B 153 11.33 -5.23 6.51
N ARG B 154 12.00 -5.92 7.42
CA ARG B 154 11.32 -6.65 8.49
C ARG B 154 11.85 -6.29 9.86
N THR B 155 11.01 -6.50 10.86
CA THR B 155 11.37 -6.26 12.25
C THR B 155 11.55 -7.62 12.93
N GLN B 156 12.77 -7.90 13.35
CA GLN B 156 13.10 -9.18 13.99
C GLN B 156 13.00 -9.07 15.51
N ARG B 157 12.20 -9.95 16.10
CA ARG B 157 12.04 -9.98 17.55
C ARG B 157 12.97 -11.07 18.07
N LEU B 158 13.72 -10.76 19.12
CA LEU B 158 14.65 -11.73 19.69
C LEU B 158 14.44 -11.89 21.19
N ILE B 159 14.49 -13.14 21.64
CA ILE B 159 14.35 -13.46 23.06
C ILE B 159 15.61 -14.23 23.41
N ASN B 160 16.43 -13.66 24.29
CA ASN B 160 17.69 -14.27 24.67
C ASN B 160 18.59 -14.41 23.45
N GLY B 161 18.42 -13.50 22.49
CA GLY B 161 19.22 -13.52 21.28
C GLY B 161 18.77 -14.58 20.27
N LYS B 162 17.57 -15.10 20.47
CA LYS B 162 17.03 -16.13 19.57
C LYS B 162 15.72 -15.63 18.95
N PRO B 163 15.44 -16.04 17.70
CA PRO B 163 14.22 -15.64 17.01
C PRO B 163 12.94 -16.08 17.72
N ALA B 164 12.05 -15.14 17.99
CA ALA B 164 10.79 -15.44 18.66
C ALA B 164 9.89 -16.28 17.75
N PHE B 165 9.15 -17.22 18.35
CA PHE B 165 8.26 -18.08 17.58
C PHE B 165 7.02 -17.34 17.08
N TYR B 166 6.43 -17.87 16.01
CA TYR B 166 5.24 -17.30 15.38
C TYR B 166 4.12 -16.98 16.37
N ASP B 167 3.88 -17.89 17.32
CA ASP B 167 2.82 -17.72 18.30
C ASP B 167 3.24 -17.18 19.67
N ASP B 168 4.28 -16.35 19.70
CA ASP B 168 4.75 -15.78 20.97
C ASP B 168 3.95 -14.55 21.37
N PRO B 169 3.42 -14.54 22.60
CA PRO B 169 2.63 -13.38 23.05
C PRO B 169 3.54 -12.17 23.29
N VAL B 170 2.93 -11.05 23.68
CA VAL B 170 3.68 -9.83 23.94
C VAL B 170 4.58 -9.97 25.18
N MSE B 176 15.11 -11.59 28.50
CA MSE B 176 15.72 -10.64 27.58
C MSE B 176 15.01 -10.63 26.23
O MSE B 176 14.86 -11.66 25.59
CB MSE B 176 17.20 -10.97 27.36
CG MSE B 176 18.13 -10.54 28.48
SE MSE B 176 17.77 -11.39 30.17
CE MSE B 176 18.37 -13.18 29.74
N GLU B 177 14.58 -9.44 25.82
CA GLU B 177 13.89 -9.28 24.55
C GLU B 177 14.44 -8.08 23.80
N SER B 178 14.65 -8.23 22.50
CA SER B 178 15.18 -7.15 21.68
C SER B 178 14.60 -7.17 20.28
N TYR B 179 14.78 -6.07 19.57
CA TYR B 179 14.30 -5.91 18.21
C TYR B 179 15.42 -5.36 17.33
N GLU B 180 15.41 -5.74 16.05
CA GLU B 180 16.41 -5.28 15.11
C GLU B 180 15.83 -5.43 13.71
N ALA B 181 16.31 -4.60 12.79
CA ALA B 181 15.82 -4.63 11.43
C ALA B 181 16.53 -5.69 10.59
N ARG B 182 15.79 -6.37 9.72
CA ARG B 182 16.39 -7.37 8.88
C ARG B 182 15.84 -7.48 7.46
N CYS B 183 16.61 -8.16 6.61
CA CYS B 183 16.29 -8.43 5.23
C CYS B 183 15.22 -9.53 5.24
N ARG B 184 14.49 -9.73 4.15
CA ARG B 184 13.49 -10.82 4.11
C ARG B 184 14.19 -12.17 4.36
N LYS B 185 15.26 -12.40 3.62
CA LYS B 185 16.03 -13.64 3.73
C LYS B 185 16.59 -13.91 5.13
N CYS B 186 16.99 -12.84 5.81
CA CYS B 186 17.59 -12.92 7.14
C CYS B 186 16.61 -12.94 8.30
N HIS B 187 15.39 -12.46 8.04
CA HIS B 187 14.33 -12.45 9.04
C HIS B 187 14.02 -13.92 9.31
N VAL B 188 13.97 -14.31 10.58
CA VAL B 188 13.68 -15.70 10.92
C VAL B 188 12.50 -15.78 11.88
N VAL B 189 11.45 -16.46 11.46
CA VAL B 189 10.25 -16.60 12.26
C VAL B 189 9.88 -18.06 12.42
N PRO B 190 10.47 -18.76 13.40
CA PRO B 190 10.14 -20.17 13.58
C PRO B 190 8.67 -20.33 13.93
N GLN B 191 8.09 -21.47 13.54
CA GLN B 191 6.68 -21.71 13.82
C GLN B 191 6.54 -23.08 14.47
ZN ZN C . -10.72 16.93 -9.59
PB ADP D . -4.91 1.10 -15.54
O1B ADP D . -6.39 1.15 -15.48
O2B ADP D . -4.23 1.73 -14.36
O3B ADP D . -4.41 -0.37 -15.84
PA ADP D . -3.80 1.70 -18.15
O1A ADP D . -2.49 1.00 -17.90
O2A ADP D . -4.74 0.96 -19.04
O3A ADP D . -4.52 2.02 -16.79
O5' ADP D . -3.34 3.14 -18.66
C5' ADP D . -4.32 4.15 -19.00
C4' ADP D . -4.00 5.07 -20.18
O4' ADP D . -5.28 5.63 -20.55
C3' ADP D . -3.12 6.32 -19.89
O3' ADP D . -1.74 6.00 -20.19
C2' ADP D . -3.75 7.39 -20.79
O2' ADP D . -3.15 7.44 -22.11
C1' ADP D . -5.22 6.99 -20.92
N9 ADP D . -6.18 7.73 -20.01
C8 ADP D . -7.52 7.82 -20.21
N7 ADP D . -8.17 8.52 -19.27
C5 ADP D . -7.18 8.90 -18.42
C6 ADP D . -7.25 9.69 -17.20
N6 ADP D . -8.31 10.19 -16.68
N1 ADP D . -6.00 9.88 -16.60
C2 ADP D . -4.81 9.37 -17.10
N3 ADP D . -4.74 8.64 -18.22
C4 ADP D . -5.93 8.43 -18.84
ZN ZN E . 19.99 -9.38 5.62
PB ADP F . 11.61 4.35 13.02
O1B ADP F . 11.66 3.19 13.96
O2B ADP F . 11.32 3.94 11.61
O3B ADP F . 10.66 5.48 13.57
PA ADP F . 13.74 6.26 13.51
O1A ADP F . 12.96 7.42 12.94
O2A ADP F . 13.85 6.26 15.00
O3A ADP F . 13.11 4.90 13.04
O5' ADP F . 15.14 6.33 12.73
C5' ADP F . 16.18 5.33 12.97
C4' ADP F . 17.63 5.82 13.07
O4' ADP F . 18.30 4.83 13.91
C3' ADP F . 18.46 5.81 11.76
O3' ADP F . 18.42 7.12 11.14
C2' ADP F . 19.85 5.34 12.22
O2' ADP F . 20.73 6.43 12.57
C1' ADP F . 19.61 4.50 13.47
N9 ADP F . 19.62 2.98 13.24
C8 ADP F . 19.87 2.05 14.19
N7 ADP F . 19.82 0.79 13.74
C5 ADP F . 19.53 0.92 12.42
C6 ADP F . 19.36 -0.08 11.38
N6 ADP F . 19.43 -1.37 11.55
N1 ADP F . 19.07 0.45 10.14
C2 ADP F . 18.96 1.82 9.88
N3 ADP F . 19.12 2.75 10.82
C4 ADP F . 19.40 2.27 12.06
#